data_7L07
#
_entry.id   7L07
#
_cell.length_a   65.644
_cell.length_b   65.644
_cell.length_c   243.726
_cell.angle_alpha   90.000
_cell.angle_beta   90.000
_cell.angle_gamma   120.000
#
_symmetry.space_group_name_H-M   'P 65 2 2'
#
loop_
_entity.id
_entity.type
_entity.pdbx_description
1 polymer 'Ancestral Protein AncC'
2 non-polymer 'ALUMINUM FLUORIDE'
3 water water
#
_entity_poly.entity_id   1
_entity_poly.type   'polypeptide(L)'
_entity_poly.pdbx_seq_one_letter_code
;MMTMHKALTIAGSDSSGGAGIQADLKTFQELGVYGMSAITAIVAQNTLGHKGVYPLPLEAIEAQLDTVLEDIGVDALKTG
MLATAEIIELVAEKIKEYNVKNVVVDPVMIAKGGDSLLHEEAAEALREELIPLATVVTPNLPEAEVLSGMRIIKTVEDMK
EAAKKIHEMGAKYVLVKGGHLEGDDEAVDVLFDGEEFEIFESERIDTKHTHGAGCTFSAAITAELAKGYSLKEAVKTAKE
FITEAIRHSFPLGQGVGPTNHSAYREKEAKESETAEAPEAA
;
_entity_poly.pdbx_strand_id   A
#
loop_
_chem_comp.id
_chem_comp.type
_chem_comp.name
_chem_comp.formula
AF3 non-polymer 'ALUMINUM FLUORIDE' 'Al F3'
#
# COMPACT_ATOMS: atom_id res chain seq x y z
N MET A 2 -14.48 3.69 -18.55
CA MET A 2 -13.99 2.63 -19.46
C MET A 2 -14.35 1.23 -18.93
N THR A 3 -13.80 0.78 -17.78
CA THR A 3 -14.05 -0.62 -17.33
C THR A 3 -15.10 -0.68 -16.20
N MET A 4 -15.59 -1.87 -15.91
CA MET A 4 -16.55 -2.05 -14.79
C MET A 4 -15.83 -2.46 -13.50
N HIS A 5 -14.50 -2.54 -13.52
CA HIS A 5 -13.74 -3.00 -12.36
C HIS A 5 -13.60 -1.88 -11.34
N LYS A 6 -13.33 -2.30 -10.09
CA LYS A 6 -13.39 -1.41 -8.94
C LYS A 6 -12.16 -1.60 -8.06
N ALA A 7 -11.65 -0.50 -7.53
CA ALA A 7 -10.50 -0.50 -6.64
C ALA A 7 -10.78 0.38 -5.43
N LEU A 8 -10.18 0.02 -4.30
CA LEU A 8 -10.32 0.75 -3.05
C LEU A 8 -8.95 1.21 -2.58
N THR A 9 -8.86 2.45 -2.14
CA THR A 9 -7.67 2.95 -1.46
C THR A 9 -8.02 3.16 0.01
N ILE A 10 -7.23 2.55 0.88
CA ILE A 10 -7.33 2.74 2.32
C ILE A 10 -6.10 3.54 2.72
N ALA A 11 -6.25 4.84 2.93
CA ALA A 11 -5.05 5.66 3.13
C ALA A 11 -5.46 7.01 3.71
N GLY A 12 -4.48 7.93 3.76
CA GLY A 12 -4.71 9.23 4.35
C GLY A 12 -5.22 10.25 3.36
N SER A 13 -5.81 11.31 3.90
CA SER A 13 -6.36 12.39 3.10
C SER A 13 -5.35 13.53 3.00
N ASP A 14 -5.20 14.04 1.78
CA ASP A 14 -4.23 15.07 1.45
C ASP A 14 -5.00 16.23 0.80
N SER A 15 -5.19 17.31 1.55
CA SER A 15 -6.00 18.43 1.06
C SER A 15 -5.39 19.10 -0.16
N SER A 16 -4.09 18.95 -0.40
CA SER A 16 -3.46 19.54 -1.58
C SER A 16 -3.70 18.71 -2.83
N GLY A 17 -4.16 17.47 -2.70
CA GLY A 17 -4.38 16.59 -3.82
C GLY A 17 -3.12 15.99 -4.41
N GLY A 18 -1.95 16.27 -3.85
CA GLY A 18 -0.72 15.75 -4.40
C GLY A 18 -0.52 14.27 -4.11
N ALA A 19 -1.09 13.79 -3.02
CA ALA A 19 -0.94 12.38 -2.66
C ALA A 19 -2.23 11.94 -1.97
N GLY A 20 -2.13 10.91 -1.14
CA GLY A 20 -3.29 10.46 -0.39
C GLY A 20 -4.36 9.82 -1.27
N ILE A 21 -5.52 9.60 -0.64
CA ILE A 21 -6.63 8.97 -1.35
C ILE A 21 -7.04 9.80 -2.54
N GLN A 22 -6.88 11.12 -2.46
CA GLN A 22 -7.28 11.98 -3.57
C GLN A 22 -6.47 11.65 -4.82
N ALA A 23 -5.14 11.53 -4.68
CA ALA A 23 -4.32 11.17 -5.83
C ALA A 23 -4.57 9.73 -6.26
N ASP A 24 -4.80 8.84 -5.28
CA ASP A 24 -5.14 7.46 -5.62
C ASP A 24 -6.38 7.40 -6.50
N LEU A 25 -7.46 8.10 -6.09
CA LEU A 25 -8.69 8.06 -6.84
C LEU A 25 -8.52 8.65 -8.24
N LYS A 26 -7.72 9.71 -8.36
CA LYS A 26 -7.44 10.28 -9.70
C LYS A 26 -6.77 9.20 -10.55
N THR A 27 -5.78 8.51 -9.98
CA THR A 27 -5.09 7.47 -10.74
C THR A 27 -6.04 6.38 -11.17
N PHE A 28 -6.87 5.88 -10.23
CA PHE A 28 -7.88 4.89 -10.59
C PHE A 28 -8.70 5.36 -11.78
N GLN A 29 -9.27 6.56 -11.69
CA GLN A 29 -10.12 7.10 -12.79
C GLN A 29 -9.35 7.12 -14.12
N GLU A 30 -8.12 7.63 -14.12
CA GLU A 30 -7.31 7.74 -15.35
C GLU A 30 -7.09 6.36 -15.99
N LEU A 31 -7.06 5.31 -15.19
CA LEU A 31 -6.80 3.96 -15.70
C LEU A 31 -8.09 3.17 -15.91
N GLY A 32 -9.23 3.83 -15.82
CA GLY A 32 -10.54 3.26 -16.19
C GLY A 32 -11.10 2.30 -15.16
N VAL A 33 -10.74 2.51 -13.91
CA VAL A 33 -11.33 1.76 -12.77
C VAL A 33 -12.16 2.72 -11.91
N TYR A 34 -13.32 2.24 -11.49
CA TYR A 34 -14.14 2.93 -10.47
C TYR A 34 -13.40 2.92 -9.13
N GLY A 35 -13.20 4.10 -8.57
CA GLY A 35 -12.41 4.27 -7.36
C GLY A 35 -13.28 4.53 -6.14
N MET A 36 -12.89 3.91 -5.03
CA MET A 36 -13.52 4.14 -3.74
C MET A 36 -12.43 4.32 -2.70
N SER A 37 -12.77 5.01 -1.61
CA SER A 37 -11.76 5.39 -0.63
C SER A 37 -12.28 5.17 0.79
N ALA A 38 -11.35 4.78 1.65
CA ALA A 38 -11.55 4.68 3.10
C ALA A 38 -10.46 5.53 3.74
N ILE A 39 -10.83 6.62 4.40
CA ILE A 39 -9.86 7.54 4.96
C ILE A 39 -9.50 7.08 6.37
N THR A 40 -8.21 6.86 6.61
CA THR A 40 -7.70 6.45 7.90
C THR A 40 -7.21 7.62 8.74
N ALA A 41 -6.90 8.74 8.12
CA ALA A 41 -6.30 9.86 8.84
C ALA A 41 -6.29 11.09 7.96
N ILE A 42 -6.34 12.25 8.60
CA ILE A 42 -6.00 13.51 7.95
C ILE A 42 -4.49 13.67 8.04
N VAL A 43 -3.84 13.81 6.91
CA VAL A 43 -2.36 13.93 6.84
C VAL A 43 -2.00 15.35 6.37
N ALA A 44 -1.35 16.11 7.23
CA ALA A 44 -0.91 17.49 6.94
C ALA A 44 0.56 17.59 7.37
N GLN A 45 1.12 18.79 7.38
CA GLN A 45 2.49 18.99 7.88
C GLN A 45 2.41 19.18 9.39
N ASN A 46 3.43 18.76 10.10
CA ASN A 46 3.52 19.04 11.54
C ASN A 46 4.08 20.43 11.73
N THR A 47 3.34 21.27 12.43
CA THR A 47 3.68 22.68 12.56
C THR A 47 3.48 23.10 14.01
N LEU A 48 3.77 24.37 14.27
CA LEU A 48 3.54 24.93 15.59
C LEU A 48 2.06 24.95 15.92
N GLY A 49 1.20 24.91 14.89
CA GLY A 49 -0.21 25.09 15.07
C GLY A 49 -1.01 23.80 15.05
N HIS A 50 -0.47 22.73 14.47
CA HIS A 50 -1.21 21.49 14.39
C HIS A 50 -0.27 20.32 14.15
N LYS A 51 -0.75 19.13 14.49
CA LYS A 51 -0.01 17.92 14.21
C LYS A 51 -0.05 17.61 12.72
N GLY A 52 0.77 16.64 12.31
CA GLY A 52 0.77 16.23 10.92
C GLY A 52 -0.16 15.06 10.60
N VAL A 53 -0.66 14.37 11.62
CA VAL A 53 -1.47 13.19 11.39
C VAL A 53 -2.59 13.17 12.42
N TYR A 54 -3.83 13.08 11.94
CA TYR A 54 -5.02 12.94 12.78
C TYR A 54 -5.71 11.63 12.47
N PRO A 55 -5.46 10.56 13.21
CA PRO A 55 -6.14 9.29 12.93
C PRO A 55 -7.63 9.41 13.17
N LEU A 56 -8.41 8.79 12.28
CA LEU A 56 -9.85 8.78 12.44
C LEU A 56 -10.27 7.70 13.43
N PRO A 57 -11.46 7.84 14.02
CA PRO A 57 -11.95 6.80 14.94
C PRO A 57 -12.07 5.46 14.22
N LEU A 58 -11.74 4.39 14.93
CA LEU A 58 -11.81 3.07 14.33
C LEU A 58 -13.20 2.77 13.81
N GLU A 59 -14.24 3.21 14.53
CA GLU A 59 -15.60 2.95 14.09
C GLU A 59 -15.91 3.67 12.79
N ALA A 60 -15.29 4.82 12.57
CA ALA A 60 -15.51 5.55 11.31
C ALA A 60 -14.80 4.86 10.16
N ILE A 61 -13.62 4.29 10.42
CA ILE A 61 -12.93 3.53 9.40
C ILE A 61 -13.69 2.26 9.07
N GLU A 62 -14.18 1.56 10.09
CA GLU A 62 -14.95 0.34 9.85
C GLU A 62 -16.23 0.63 9.07
N ALA A 63 -16.88 1.75 9.37
CA ALA A 63 -18.07 2.14 8.62
C ALA A 63 -17.75 2.29 7.13
N GLN A 64 -16.64 2.96 6.81
CA GLN A 64 -16.24 3.12 5.42
C GLN A 64 -15.91 1.78 4.78
N LEU A 65 -15.10 0.97 5.45
CA LEU A 65 -14.71 -0.32 4.89
C LEU A 65 -15.91 -1.23 4.69
N ASP A 66 -16.81 -1.31 5.68
CA ASP A 66 -17.97 -2.18 5.54
C ASP A 66 -18.88 -1.70 4.42
N THR A 67 -19.03 -0.39 4.27
CA THR A 67 -19.84 0.14 3.18
C THR A 67 -19.31 -0.35 1.85
N VAL A 68 -18.01 -0.16 1.61
CA VAL A 68 -17.43 -0.52 0.32
C VAL A 68 -17.46 -2.03 0.12
N LEU A 69 -17.06 -2.80 1.12
CA LEU A 69 -16.84 -4.26 0.96
C LEU A 69 -18.15 -5.05 0.94
N GLU A 70 -19.14 -4.67 1.76
CA GLU A 70 -20.47 -5.30 1.76
C GLU A 70 -21.25 -4.91 0.50
N ASP A 71 -21.36 -3.61 0.25
CA ASP A 71 -22.39 -3.10 -0.65
C ASP A 71 -21.95 -2.92 -2.09
N ILE A 72 -20.65 -2.72 -2.34
CA ILE A 72 -20.13 -2.43 -3.67
C ILE A 72 -19.19 -3.54 -4.15
N GLY A 73 -18.19 -3.89 -3.34
CA GLY A 73 -17.25 -4.92 -3.73
C GLY A 73 -16.08 -4.33 -4.46
N VAL A 74 -14.89 -4.92 -4.33
CA VAL A 74 -13.69 -4.40 -4.96
C VAL A 74 -12.96 -5.55 -5.64
N ASP A 75 -12.23 -5.22 -6.71
CA ASP A 75 -11.37 -6.17 -7.39
C ASP A 75 -9.93 -6.11 -6.94
N ALA A 76 -9.52 -5.01 -6.30
CA ALA A 76 -8.18 -4.86 -5.76
C ALA A 76 -8.23 -3.70 -4.78
N LEU A 77 -7.25 -3.65 -3.90
CA LEU A 77 -7.15 -2.50 -3.01
C LEU A 77 -5.69 -2.17 -2.73
N LYS A 78 -5.48 -0.92 -2.35
CA LYS A 78 -4.20 -0.41 -1.91
C LYS A 78 -4.34 0.09 -0.48
N THR A 79 -3.24 -0.01 0.27
CA THR A 79 -3.14 0.62 1.58
C THR A 79 -2.04 1.66 1.54
N GLY A 80 -2.22 2.80 2.20
CA GLY A 80 -1.19 3.84 2.32
C GLY A 80 -0.91 4.14 3.78
N MET A 81 -1.10 5.39 4.18
CA MET A 81 -0.99 5.79 5.60
C MET A 81 -2.05 5.02 6.40
N LEU A 82 -1.63 4.22 7.38
CA LEU A 82 -2.61 3.50 8.24
C LEU A 82 -2.52 3.94 9.70
N ALA A 83 -1.46 4.64 10.06
CA ALA A 83 -1.37 5.52 11.25
C ALA A 83 -1.08 4.73 12.53
N THR A 84 -1.92 3.77 12.88
CA THR A 84 -1.76 3.09 14.16
C THR A 84 -1.87 1.59 13.97
N ALA A 85 -1.33 0.87 14.96
CA ALA A 85 -1.43 -0.58 14.98
C ALA A 85 -2.88 -1.03 14.98
N GLU A 86 -3.73 -0.31 15.71
CA GLU A 86 -5.14 -0.68 15.80
C GLU A 86 -5.82 -0.58 14.44
N ILE A 87 -5.49 0.46 13.66
CA ILE A 87 -6.06 0.61 12.32
C ILE A 87 -5.51 -0.45 11.40
N ILE A 88 -4.21 -0.70 11.47
CA ILE A 88 -3.60 -1.74 10.64
C ILE A 88 -4.29 -3.07 10.89
N GLU A 89 -4.52 -3.41 12.17
CA GLU A 89 -5.14 -4.69 12.50
C GLU A 89 -6.56 -4.77 11.97
N LEU A 90 -7.33 -3.68 12.10
CA LEU A 90 -8.66 -3.64 11.51
C LEU A 90 -8.60 -3.89 10.01
N VAL A 91 -7.67 -3.22 9.32
CA VAL A 91 -7.58 -3.36 7.87
C VAL A 91 -7.22 -4.80 7.50
N ALA A 92 -6.26 -5.39 8.22
CA ALA A 92 -5.90 -6.78 7.95
C ALA A 92 -7.09 -7.69 8.19
N GLU A 93 -7.85 -7.44 9.25
CA GLU A 93 -9.03 -8.26 9.54
CA GLU A 93 -9.03 -8.25 9.54
C GLU A 93 -10.02 -8.21 8.39
N LYS A 94 -10.25 -7.01 7.83
CA LYS A 94 -11.26 -6.86 6.78
C LYS A 94 -10.80 -7.49 5.47
N ILE A 95 -9.51 -7.39 5.16
CA ILE A 95 -8.99 -8.09 4.00
C ILE A 95 -9.28 -9.58 4.11
N LYS A 96 -8.99 -10.17 5.28
CA LYS A 96 -9.27 -11.59 5.47
C LYS A 96 -10.77 -11.87 5.47
N GLU A 97 -11.55 -11.03 6.14
CA GLU A 97 -12.99 -11.27 6.24
C GLU A 97 -13.63 -11.34 4.86
N TYR A 98 -13.26 -10.43 3.96
CA TYR A 98 -13.84 -10.38 2.63
C TYR A 98 -12.95 -11.02 1.57
N ASN A 99 -11.86 -11.68 1.97
CA ASN A 99 -11.05 -12.51 1.08
C ASN A 99 -10.52 -11.72 -0.12
N VAL A 100 -9.99 -10.53 0.17
CA VAL A 100 -9.48 -9.65 -0.87
C VAL A 100 -8.11 -10.15 -1.29
N LYS A 101 -7.98 -10.58 -2.53
CA LYS A 101 -6.78 -11.30 -3.03
C LYS A 101 -5.76 -10.35 -3.67
N ASN A 102 -6.20 -9.18 -4.16
CA ASN A 102 -5.30 -8.24 -4.82
C ASN A 102 -5.06 -7.08 -3.86
N VAL A 103 -3.93 -7.10 -3.16
CA VAL A 103 -3.64 -6.12 -2.11
C VAL A 103 -2.28 -5.50 -2.38
N VAL A 104 -2.24 -4.19 -2.56
CA VAL A 104 -1.02 -3.43 -2.77
C VAL A 104 -0.75 -2.66 -1.49
N VAL A 105 0.32 -3.01 -0.78
CA VAL A 105 0.69 -2.33 0.46
C VAL A 105 1.81 -1.34 0.13
N ASP A 106 1.46 -0.06 0.15
CA ASP A 106 2.45 1.02 0.08
C ASP A 106 2.76 1.47 1.50
N PRO A 107 3.92 1.06 2.09
CA PRO A 107 4.20 1.31 3.51
C PRO A 107 4.57 2.77 3.90
N VAL A 108 3.66 3.71 3.63
CA VAL A 108 3.84 5.14 4.02
C VAL A 108 4.00 5.20 5.54
N MET A 109 5.08 5.80 6.01
CA MET A 109 5.38 5.70 7.46
C MET A 109 5.66 7.09 8.05
N SER A 116 9.38 6.26 18.74
CA SER A 116 8.05 6.34 19.39
C SER A 116 7.47 4.95 19.60
N LEU A 117 6.77 4.72 20.72
CA LEU A 117 6.09 3.45 20.93
C LEU A 117 4.90 3.30 20.01
N LEU A 118 4.32 4.43 19.57
CA LEU A 118 3.23 4.39 18.61
C LEU A 118 3.73 3.87 17.26
N HIS A 119 4.74 4.54 16.69
CA HIS A 119 5.25 4.19 15.37
C HIS A 119 5.83 2.78 15.35
N GLU A 120 6.52 2.37 16.44
CA GLU A 120 7.10 1.04 16.52
C GLU A 120 6.04 -0.05 16.60
N GLU A 121 5.03 0.13 17.45
CA GLU A 121 3.92 -0.82 17.47
C GLU A 121 3.24 -0.87 16.11
N ALA A 122 3.12 0.28 15.45
CA ALA A 122 2.50 0.30 14.12
C ALA A 122 3.33 -0.49 13.12
N ALA A 123 4.65 -0.32 13.15
CA ALA A 123 5.52 -1.07 12.26
C ALA A 123 5.39 -2.57 12.51
N GLU A 124 5.29 -2.96 13.78
CA GLU A 124 5.15 -4.38 14.09
C GLU A 124 3.84 -4.95 13.55
N ALA A 125 2.75 -4.19 13.67
CA ALA A 125 1.46 -4.65 13.17
C ALA A 125 1.49 -4.80 11.65
N LEU A 126 2.13 -3.86 10.96
CA LEU A 126 2.32 -3.99 9.52
C LEU A 126 3.09 -5.26 9.18
N ARG A 127 4.20 -5.51 9.85
CA ARG A 127 5.04 -6.68 9.51
C ARG A 127 4.31 -7.98 9.82
N GLU A 128 3.53 -8.02 10.89
CA GLU A 128 2.98 -9.29 11.35
C GLU A 128 1.58 -9.57 10.83
N GLU A 129 0.80 -8.54 10.52
CA GLU A 129 -0.61 -8.70 10.19
C GLU A 129 -0.94 -8.40 8.73
N LEU A 130 -0.36 -7.34 8.16
CA LEU A 130 -0.74 -6.90 6.83
C LEU A 130 0.18 -7.42 5.74
N ILE A 131 1.48 -7.45 5.97
CA ILE A 131 2.45 -7.88 4.96
C ILE A 131 2.11 -9.29 4.52
N PRO A 132 1.74 -10.21 5.43
CA PRO A 132 1.38 -11.57 4.99
C PRO A 132 0.19 -11.63 4.06
N LEU A 133 -0.54 -10.53 3.89
CA LEU A 133 -1.71 -10.49 3.01
C LEU A 133 -1.44 -9.75 1.70
N ALA A 134 -0.22 -9.27 1.50
CA ALA A 134 0.06 -8.37 0.39
C ALA A 134 0.34 -9.15 -0.89
N THR A 135 -0.30 -8.73 -1.98
CA THR A 135 0.15 -9.15 -3.30
C THR A 135 1.54 -8.58 -3.60
N VAL A 136 1.74 -7.29 -3.29
CA VAL A 136 3.03 -6.64 -3.42
C VAL A 136 3.18 -5.60 -2.32
N VAL A 137 4.40 -5.43 -1.84
CA VAL A 137 4.79 -4.32 -0.97
C VAL A 137 5.76 -3.44 -1.74
N THR A 138 5.58 -2.13 -1.67
CA THR A 138 6.35 -1.18 -2.47
C THR A 138 7.08 -0.17 -1.59
N PRO A 139 8.03 -0.62 -0.78
CA PRO A 139 8.79 0.31 0.06
C PRO A 139 9.83 1.07 -0.73
N ASN A 140 10.04 2.33 -0.35
CA ASN A 140 11.26 3.03 -0.72
C ASN A 140 12.37 2.52 0.21
N LEU A 141 13.55 3.12 0.16
CA LEU A 141 14.67 2.55 0.89
C LEU A 141 14.51 2.68 2.40
N PRO A 142 14.21 3.86 2.95
CA PRO A 142 13.98 3.94 4.41
C PRO A 142 12.88 3.02 4.90
N GLU A 143 11.78 2.96 4.15
CA GLU A 143 10.69 2.06 4.49
C GLU A 143 11.15 0.61 4.44
N ALA A 144 11.96 0.26 3.44
CA ALA A 144 12.47 -1.11 3.35
C ALA A 144 13.40 -1.43 4.51
N GLU A 145 14.22 -0.45 4.93
CA GLU A 145 15.08 -0.67 6.09
C GLU A 145 14.25 -0.97 7.32
N VAL A 146 13.18 -0.20 7.54
CA VAL A 146 12.36 -0.40 8.73
C VAL A 146 11.67 -1.77 8.67
N LEU A 147 11.08 -2.10 7.51
CA LEU A 147 10.30 -3.32 7.40
C LEU A 147 11.19 -4.55 7.51
N SER A 148 12.37 -4.50 6.89
CA SER A 148 13.25 -5.65 6.85
C SER A 148 14.18 -5.76 8.05
N GLY A 149 14.42 -4.66 8.76
CA GLY A 149 15.40 -4.71 9.82
C GLY A 149 16.82 -4.54 9.35
N MET A 150 17.02 -4.24 8.06
CA MET A 150 18.35 -3.94 7.56
C MET A 150 18.84 -2.62 8.15
N ARG A 151 20.11 -2.63 8.60
CA ARG A 151 20.67 -1.44 9.21
C ARG A 151 20.66 -0.27 8.24
N ILE A 152 21.15 -0.52 7.04
CA ILE A 152 21.23 0.47 5.97
C ILE A 152 21.16 -0.28 4.65
N ILE A 153 20.44 0.28 3.69
CA ILE A 153 20.37 -0.27 2.33
C ILE A 153 21.18 0.68 1.44
N LYS A 154 22.38 0.24 1.08
CA LYS A 154 23.31 1.07 0.34
C LYS A 154 23.61 0.53 -1.05
N THR A 155 23.32 -0.74 -1.32
CA THR A 155 23.63 -1.35 -2.60
C THR A 155 22.41 -2.07 -3.15
N VAL A 156 22.51 -2.44 -4.43
CA VAL A 156 21.47 -3.26 -5.05
C VAL A 156 21.38 -4.61 -4.34
N GLU A 157 22.53 -5.17 -3.96
CA GLU A 157 22.53 -6.41 -3.19
C GLU A 157 21.77 -6.24 -1.88
N ASP A 158 21.94 -5.08 -1.22
CA ASP A 158 21.15 -4.78 -0.04
C ASP A 158 19.66 -4.73 -0.37
N MET A 159 19.31 -4.10 -1.49
CA MET A 159 17.90 -4.05 -1.89
C MET A 159 17.34 -5.45 -2.10
N LYS A 160 18.11 -6.32 -2.75
CA LYS A 160 17.65 -7.69 -2.94
C LYS A 160 17.47 -8.41 -1.62
N GLU A 161 18.38 -8.19 -0.66
CA GLU A 161 18.24 -8.83 0.64
C GLU A 161 16.98 -8.37 1.34
N ALA A 162 16.70 -7.06 1.30
CA ALA A 162 15.49 -6.56 1.93
C ALA A 162 14.25 -7.10 1.25
N ALA A 163 14.28 -7.25 -0.07
CA ALA A 163 13.14 -7.83 -0.78
C ALA A 163 12.95 -9.29 -0.39
N LYS A 164 14.04 -10.03 -0.39
CA LYS A 164 14.02 -11.40 0.24
C LYS A 164 13.35 -11.56 1.65
N LYS A 165 13.81 -10.62 2.48
CA LYS A 165 13.30 -10.61 3.85
C LYS A 165 11.79 -10.37 3.86
N ILE A 166 11.35 -9.36 3.11
CA ILE A 166 9.93 -9.00 3.13
C ILE A 166 9.10 -10.09 2.49
N HIS A 167 9.64 -10.76 1.47
CA HIS A 167 8.92 -11.89 0.89
C HIS A 167 8.77 -13.00 1.92
N GLU A 168 9.83 -13.30 2.67
N GLU A 168 9.82 -13.29 2.68
CA GLU A 168 9.72 -14.34 3.68
CA GLU A 168 9.73 -14.34 3.68
C GLU A 168 8.70 -13.97 4.75
C GLU A 168 8.81 -13.95 4.83
N MET A 169 8.43 -12.68 4.93
CA MET A 169 7.48 -12.25 5.94
C MET A 169 6.05 -12.47 5.48
N GLY A 170 5.88 -12.82 4.20
CA GLY A 170 4.61 -13.28 3.71
C GLY A 170 4.15 -12.61 2.42
N ALA A 171 4.87 -11.57 1.98
CA ALA A 171 4.47 -10.85 0.77
C ALA A 171 4.75 -11.69 -0.47
N LYS A 172 3.78 -11.77 -1.37
CA LYS A 172 3.93 -12.59 -2.57
C LYS A 172 4.97 -12.00 -3.51
N TYR A 173 4.96 -10.68 -3.68
CA TYR A 173 5.96 -9.96 -4.45
C TYR A 173 6.46 -8.79 -3.60
N VAL A 174 7.69 -8.34 -3.85
CA VAL A 174 8.21 -7.14 -3.21
C VAL A 174 8.89 -6.29 -4.26
N LEU A 175 8.58 -5.00 -4.27
CA LEU A 175 9.22 -4.04 -5.18
C LEU A 175 9.89 -2.98 -4.32
N VAL A 176 11.21 -3.06 -4.18
CA VAL A 176 11.99 -2.04 -3.47
C VAL A 176 12.33 -0.93 -4.45
N LYS A 177 11.88 0.27 -4.14
CA LYS A 177 12.13 1.47 -4.98
C LYS A 177 13.47 2.12 -4.58
N GLY A 178 14.41 2.22 -5.52
CA GLY A 178 15.75 2.77 -5.23
C GLY A 178 15.81 4.27 -5.31
N VAL A 188 17.69 2.32 -9.15
CA VAL A 188 17.05 1.09 -9.71
C VAL A 188 15.91 0.63 -8.81
N ASP A 189 14.95 -0.07 -9.39
CA ASP A 189 13.91 -0.75 -8.58
C ASP A 189 14.21 -2.24 -8.63
N VAL A 190 13.98 -2.92 -7.51
CA VAL A 190 14.19 -4.39 -7.50
C VAL A 190 12.87 -5.11 -7.23
N LEU A 191 12.45 -5.94 -8.16
CA LEU A 191 11.28 -6.79 -7.98
C LEU A 191 11.74 -8.22 -7.67
N PHE A 192 11.17 -8.80 -6.62
CA PHE A 192 11.46 -10.16 -6.19
C PHE A 192 10.13 -10.91 -6.05
N ASP A 193 10.09 -12.13 -6.57
CA ASP A 193 8.89 -12.95 -6.54
C ASP A 193 9.08 -14.23 -5.74
N GLY A 194 10.17 -14.29 -4.97
CA GLY A 194 10.49 -15.47 -4.18
C GLY A 194 11.41 -16.45 -4.88
N GLU A 195 11.66 -16.27 -6.16
CA GLU A 195 12.58 -17.11 -6.91
C GLU A 195 13.57 -16.30 -7.72
N GLU A 196 13.12 -15.23 -8.38
CA GLU A 196 13.99 -14.46 -9.26
C GLU A 196 13.91 -12.99 -8.92
N PHE A 197 14.99 -12.27 -9.17
CA PHE A 197 15.03 -10.83 -9.04
C PHE A 197 14.93 -10.18 -10.41
N GLU A 198 14.19 -9.08 -10.47
CA GLU A 198 14.02 -8.26 -11.67
C GLU A 198 14.45 -6.85 -11.34
N ILE A 199 15.34 -6.28 -12.14
CA ILE A 199 15.98 -5.01 -11.83
C ILE A 199 15.60 -4.01 -12.92
N PHE A 200 14.93 -2.94 -12.52
CA PHE A 200 14.46 -1.97 -13.49
C PHE A 200 15.12 -0.62 -13.30
N GLU A 201 15.09 0.17 -14.37
CA GLU A 201 15.37 1.59 -14.21
C GLU A 201 14.28 2.25 -13.42
N THR A 216 -0.68 8.20 -8.14
CA THR A 216 0.42 7.44 -7.51
C THR A 216 0.71 6.14 -8.26
N PHE A 217 1.96 5.74 -8.10
CA PHE A 217 2.56 4.51 -8.58
C PHE A 217 1.84 3.30 -8.00
N SER A 218 1.67 3.26 -6.68
CA SER A 218 1.00 2.12 -6.05
C SER A 218 -0.46 2.04 -6.45
N ALA A 219 -1.11 3.20 -6.62
CA ALA A 219 -2.50 3.22 -7.09
C ALA A 219 -2.61 2.66 -8.50
N ALA A 220 -1.64 2.98 -9.36
CA ALA A 220 -1.66 2.46 -10.72
C ALA A 220 -1.49 0.94 -10.72
N ILE A 221 -0.57 0.42 -9.92
CA ILE A 221 -0.45 -1.03 -9.77
C ILE A 221 -1.79 -1.62 -9.37
N THR A 222 -2.46 -1.00 -8.39
CA THR A 222 -3.74 -1.51 -7.92
C THR A 222 -4.77 -1.53 -9.04
N ALA A 223 -4.82 -0.47 -9.85
CA ALA A 223 -5.81 -0.40 -10.91
C ALA A 223 -5.60 -1.50 -11.93
N GLU A 224 -4.35 -1.78 -12.28
CA GLU A 224 -4.02 -2.82 -13.27
C GLU A 224 -4.42 -4.20 -12.71
N LEU A 225 -4.11 -4.48 -11.45
CA LEU A 225 -4.55 -5.72 -10.83
C LEU A 225 -6.07 -5.83 -10.86
N ALA A 226 -6.77 -4.74 -10.57
CA ALA A 226 -8.24 -4.76 -10.59
C ALA A 226 -8.77 -5.17 -11.95
N LYS A 227 -8.09 -4.78 -13.03
CA LYS A 227 -8.50 -5.08 -14.42
C LYS A 227 -8.16 -6.54 -14.79
N GLY A 228 -7.43 -7.27 -13.96
CA GLY A 228 -7.13 -8.68 -14.17
C GLY A 228 -5.70 -8.98 -14.53
N TYR A 229 -4.83 -7.97 -14.50
CA TYR A 229 -3.43 -8.13 -14.92
C TYR A 229 -2.58 -8.80 -13.85
N SER A 230 -1.58 -9.57 -14.25
CA SER A 230 -0.59 -10.11 -13.34
C SER A 230 0.15 -8.97 -12.63
N LEU A 231 0.71 -9.28 -11.46
CA LEU A 231 1.46 -8.27 -10.72
C LEU A 231 2.61 -7.72 -11.57
N LYS A 232 3.35 -8.60 -12.23
CA LYS A 232 4.49 -8.15 -13.02
C LYS A 232 4.05 -7.23 -14.15
N GLU A 233 2.97 -7.58 -14.84
CA GLU A 233 2.45 -6.70 -15.88
C GLU A 233 1.91 -5.41 -15.28
N ALA A 234 1.30 -5.50 -14.09
CA ALA A 234 0.80 -4.29 -13.44
C ALA A 234 1.94 -3.34 -13.08
N VAL A 235 3.05 -3.88 -12.57
CA VAL A 235 4.18 -3.03 -12.22
C VAL A 235 4.76 -2.38 -13.48
N LYS A 236 4.89 -3.12 -14.58
CA LYS A 236 5.48 -2.55 -15.81
C LYS A 236 4.57 -1.45 -16.36
N THR A 237 3.27 -1.71 -16.38
CA THR A 237 2.28 -0.73 -16.89
C THR A 237 2.25 0.47 -15.93
N ALA A 238 2.33 0.28 -14.61
CA ALA A 238 2.32 1.39 -13.66
C ALA A 238 3.57 2.26 -13.84
N LYS A 239 4.72 1.64 -14.08
CA LYS A 239 5.96 2.41 -14.33
C LYS A 239 5.75 3.29 -15.56
N GLU A 240 5.26 2.73 -16.66
CA GLU A 240 5.07 3.51 -17.87
C GLU A 240 4.06 4.65 -17.66
N PHE A 241 2.98 4.39 -16.92
CA PHE A 241 2.01 5.43 -16.61
C PHE A 241 2.65 6.58 -15.84
N ILE A 242 3.49 6.26 -14.85
CA ILE A 242 4.10 7.32 -14.04
C ILE A 242 5.03 8.18 -14.88
N THR A 243 5.83 7.56 -15.74
CA THR A 243 6.78 8.33 -16.56
C THR A 243 6.03 9.20 -17.56
N GLU A 244 4.92 8.69 -18.08
CA GLU A 244 4.07 9.56 -18.93
C GLU A 244 3.33 10.52 -18.00
AL AF3 B . -5.00 -1.28 -20.07
F1 AF3 B . -6.61 -1.30 -19.52
F2 AF3 B . -4.73 -1.03 -21.73
F3 AF3 B . -3.77 -0.83 -18.97
AL AF3 C . -2.83 -12.84 -1.66
F1 AF3 C . -2.13 -12.04 -3.00
F2 AF3 C . -4.41 -13.46 -1.79
F3 AF3 C . -1.83 -13.39 -0.39
AL AF3 D . -2.17 -13.09 9.34
F1 AF3 D . -2.63 -11.55 8.74
F2 AF3 D . -0.81 -13.88 8.67
F3 AF3 D . -3.15 -13.87 10.50
#